data_6EWP
#
_entry.id   6EWP
#
_cell.length_a   107.008
_cell.length_b   107.008
_cell.length_c   141.762
_cell.angle_alpha   90.00
_cell.angle_beta   90.00
_cell.angle_gamma   120.00
#
_symmetry.space_group_name_H-M   'P 61'
#
loop_
_entity.id
_entity.type
_entity.pdbx_description
1 polymer 'Centrosomal protein of 120 kDa'
2 non-polymer 'HEXAETHYLENE GLYCOL'
3 water water
#
_entity_poly.entity_id   1
_entity_poly.type   'polypeptide(L)'
_entity_poly.pdbx_seq_one_letter_code
;GPCGASEVVTSGQKIAVPAASHHFCFSVDLRSVHDLELSFPVNCILRYSYPFFGSAAPIMTNPPVEVRKNMEVFLPQSYC
AFDFATMPHQLQDTFLRIPLLVELWHKDKMSKDLLLGVARIQLSNILSSEKTRFLGANGEQCWRQTYSESVPVIAAQGSN
NRILDLSYTMTLEDYGLVKMREIFVSESSQGVPAVDQKPSS
;
_entity_poly.pdbx_strand_id   A,B,C
#
loop_
_chem_comp.id
_chem_comp.type
_chem_comp.name
_chem_comp.formula
P6G non-polymer 'HEXAETHYLENE GLYCOL' 'C12 H26 O7'
#
# COMPACT_ATOMS: atom_id res chain seq x y z
N LYS A 14 -24.10 -7.00 20.92
CA LYS A 14 -25.13 -5.91 20.90
C LYS A 14 -25.14 -5.14 19.57
N ILE A 15 -24.14 -4.28 19.36
CA ILE A 15 -24.14 -3.27 18.29
C ILE A 15 -23.15 -3.66 17.17
N ALA A 16 -23.71 -3.87 15.97
CA ALA A 16 -22.97 -4.29 14.80
C ALA A 16 -22.43 -3.08 14.06
N VAL A 17 -21.60 -3.35 13.08
CA VAL A 17 -21.24 -2.33 12.09
C VAL A 17 -21.60 -2.83 10.72
N PRO A 18 -21.79 -1.92 9.77
CA PRO A 18 -22.12 -2.37 8.44
C PRO A 18 -21.11 -3.38 7.89
N ALA A 19 -21.61 -4.40 7.19
CA ALA A 19 -20.76 -5.51 6.69
C ALA A 19 -19.66 -5.08 5.74
N ALA A 20 -19.85 -3.98 5.02
CA ALA A 20 -18.83 -3.46 4.13
C ALA A 20 -17.64 -2.75 4.86
N SER A 21 -17.72 -2.61 6.19
CA SER A 21 -16.67 -2.00 6.98
C SER A 21 -15.39 -2.82 6.90
N HIS A 22 -14.25 -2.14 6.86
CA HIS A 22 -12.96 -2.78 6.99
C HIS A 22 -12.38 -2.58 8.39
N HIS A 23 -11.60 -3.57 8.81
CA HIS A 23 -10.73 -3.48 9.95
C HIS A 23 -9.41 -2.83 9.48
N PHE A 24 -9.14 -1.64 9.99
CA PHE A 24 -7.90 -0.96 9.75
C PHE A 24 -7.08 -0.94 11.04
N CYS A 25 -5.75 -0.92 10.89
CA CYS A 25 -4.84 -0.62 11.99
C CYS A 25 -3.99 0.55 11.56
N PHE A 26 -4.11 1.67 12.28
CA PHE A 26 -3.29 2.83 12.02
C PHE A 26 -2.33 2.99 13.20
N SER A 27 -1.05 3.22 12.90
CA SER A 27 -0.06 3.45 13.97
CA SER A 27 -0.02 3.42 13.94
C SER A 27 0.76 4.70 13.70
N VAL A 28 1.08 5.40 14.78
CA VAL A 28 1.82 6.66 14.75
C VAL A 28 3.01 6.43 15.64
N ASP A 29 4.20 6.66 15.11
CA ASP A 29 5.42 6.70 15.91
C ASP A 29 5.98 8.12 15.89
N LEU A 30 5.85 8.83 17.00
CA LEU A 30 6.39 10.18 17.17
C LEU A 30 7.87 10.00 17.55
N ARG A 31 8.71 9.74 16.56
CA ARG A 31 10.02 9.13 16.83
C ARG A 31 10.95 10.08 17.58
N SER A 32 11.10 11.30 17.04
CA SER A 32 12.00 12.27 17.63
C SER A 32 11.60 13.69 17.36
N VAL A 33 12.14 14.58 18.19
CA VAL A 33 12.09 16.02 17.93
C VAL A 33 13.51 16.56 17.84
N HIS A 34 13.66 17.65 17.11
CA HIS A 34 14.96 18.26 16.82
C HIS A 34 14.79 19.70 16.38
N ASP A 35 15.91 20.42 16.35
CA ASP A 35 16.00 21.81 15.93
C ASP A 35 15.10 22.73 16.76
N LEU A 36 15.19 22.59 18.08
CA LEU A 36 14.50 23.50 18.98
C LEU A 36 15.00 24.92 18.70
N GLU A 37 14.07 25.85 18.51
CA GLU A 37 14.44 27.24 18.20
C GLU A 37 14.13 28.19 19.35
N LEU A 38 13.68 27.66 20.49
CA LEU A 38 13.54 28.44 21.70
C LEU A 38 14.88 28.50 22.45
N SER A 39 15.11 29.63 23.12
CA SER A 39 16.33 29.88 23.87
C SER A 39 16.39 29.14 25.21
N PHE A 40 15.25 28.67 25.72
CA PHE A 40 15.19 27.99 27.02
C PHE A 40 14.93 26.48 26.87
N PRO A 41 15.29 25.67 27.89
CA PRO A 41 15.07 24.22 27.80
C PRO A 41 13.62 23.86 28.01
N VAL A 42 13.14 22.92 27.20
CA VAL A 42 11.75 22.42 27.25
C VAL A 42 11.76 21.01 27.82
N ASN A 43 10.97 20.77 28.86
CA ASN A 43 10.75 19.43 29.39
C ASN A 43 9.50 18.86 28.64
N CYS A 44 9.80 18.22 27.53
CA CYS A 44 8.84 17.92 26.45
C CYS A 44 8.01 16.65 26.63
N ILE A 45 6.69 16.79 26.48
CA ILE A 45 5.86 15.66 26.02
C ILE A 45 5.04 16.06 24.80
N LEU A 46 4.70 15.06 23.98
CA LEU A 46 3.80 15.25 22.84
C LEU A 46 2.48 14.57 23.14
N ARG A 47 1.40 15.23 22.74
CA ARG A 47 0.06 14.81 23.09
C ARG A 47 -0.83 14.98 21.87
N TYR A 48 -1.69 13.99 21.62
CA TYR A 48 -2.66 14.11 20.55
C TYR A 48 -3.92 13.35 20.85
N SER A 49 -4.98 13.77 20.17
CA SER A 49 -6.29 13.11 20.19
CA SER A 49 -6.26 13.08 20.17
C SER A 49 -6.77 12.99 18.74
N TYR A 50 -7.30 11.82 18.37
CA TYR A 50 -7.87 11.63 17.03
C TYR A 50 -9.06 10.67 17.19
N PRO A 51 -10.23 11.22 17.56
CA PRO A 51 -11.39 10.38 17.88
C PRO A 51 -11.92 9.48 16.76
N PHE A 52 -11.58 9.78 15.51
CA PHE A 52 -11.83 8.83 14.41
C PHE A 52 -11.33 7.41 14.69
N PHE A 53 -10.23 7.28 15.43
CA PHE A 53 -9.69 5.97 15.76
C PHE A 53 -10.43 5.27 16.88
N GLY A 54 -11.33 5.94 17.57
CA GLY A 54 -12.18 5.26 18.55
C GLY A 54 -12.42 5.95 19.85
N SER A 55 -11.50 6.84 20.24
CA SER A 55 -11.61 7.51 21.54
C SER A 55 -11.04 8.94 21.47
N ALA A 56 -11.69 9.87 22.16
CA ALA A 56 -11.12 11.20 22.36
C ALA A 56 -10.05 11.24 23.48
N ALA A 57 -9.85 10.16 24.23
CA ALA A 57 -8.80 10.06 25.26
C ALA A 57 -7.41 10.40 24.68
N PRO A 58 -6.70 11.37 25.29
CA PRO A 58 -5.44 11.77 24.69
C PRO A 58 -4.32 10.74 24.84
N ILE A 59 -3.46 10.68 23.83
CA ILE A 59 -2.30 9.81 23.83
C ILE A 59 -1.10 10.73 24.04
N MET A 60 -0.20 10.36 24.94
CA MET A 60 0.99 11.16 25.13
C MET A 60 2.22 10.37 25.40
N THR A 61 3.35 10.96 25.04
CA THR A 61 4.65 10.44 25.35
C THR A 61 4.87 10.61 26.86
N ASN A 62 5.80 9.83 27.41
CA ASN A 62 6.00 9.76 28.85
C ASN A 62 7.25 8.93 29.15
N PRO A 63 8.10 9.34 30.09
CA PRO A 63 8.02 10.60 30.83
C PRO A 63 8.40 11.81 29.98
N PRO A 64 8.34 13.02 30.54
CA PRO A 64 8.89 14.18 29.83
C PRO A 64 10.39 14.01 29.58
N VAL A 65 10.89 14.58 28.49
CA VAL A 65 12.32 14.54 28.18
C VAL A 65 12.77 15.97 27.90
N GLU A 66 13.94 16.33 28.42
CA GLU A 66 14.49 17.66 28.20
C GLU A 66 14.96 17.80 26.77
N VAL A 67 14.61 18.93 26.16
CA VAL A 67 15.07 19.28 24.84
C VAL A 67 15.73 20.64 24.95
N ARG A 68 16.92 20.73 24.37
CA ARG A 68 17.64 21.99 24.25
CA ARG A 68 17.68 21.96 24.26
C ARG A 68 18.01 22.12 22.79
N LYS A 69 18.55 23.28 22.41
CA LYS A 69 18.92 23.56 21.02
C LYS A 69 19.93 22.54 20.48
N ASN A 70 19.94 22.38 19.17
CA ASN A 70 20.92 21.55 18.46
C ASN A 70 21.07 20.13 19.00
N MET A 71 19.94 19.46 19.21
CA MET A 71 19.92 18.02 19.48
C MET A 71 18.64 17.38 18.99
N GLU A 72 18.77 16.09 18.66
CA GLU A 72 17.65 15.23 18.38
C GLU A 72 17.38 14.40 19.61
N VAL A 73 16.15 14.49 20.14
CA VAL A 73 15.73 13.73 21.32
C VAL A 73 14.66 12.72 20.89
N PHE A 74 14.94 11.44 21.12
CA PHE A 74 14.01 10.36 20.79
C PHE A 74 13.01 10.25 21.92
N LEU A 75 11.74 10.23 21.56
CA LEU A 75 10.70 10.29 22.57
C LEU A 75 10.40 8.90 23.09
N PRO A 76 10.15 8.77 24.39
CA PRO A 76 9.71 7.52 24.97
C PRO A 76 8.19 7.40 24.92
N GLN A 77 7.72 6.16 24.86
CA GLN A 77 6.29 5.86 24.78
C GLN A 77 5.69 6.65 23.60
N SER A 78 6.39 6.57 22.47
CA SER A 78 6.12 7.39 21.29
C SER A 78 5.21 6.70 20.26
N TYR A 79 4.91 5.42 20.48
CA TYR A 79 4.27 4.59 19.47
C TYR A 79 2.90 4.20 19.98
N CYS A 80 1.90 4.27 19.10
CA CYS A 80 0.57 3.79 19.43
C CYS A 80 -0.11 3.25 18.18
N ALA A 81 -0.72 2.07 18.29
CA ALA A 81 -1.47 1.45 17.20
C ALA A 81 -2.95 1.50 17.55
N PHE A 82 -3.79 1.77 16.56
CA PHE A 82 -5.25 1.92 16.77
C PHE A 82 -5.95 0.96 15.83
N ASP A 83 -6.76 0.07 16.38
CA ASP A 83 -7.57 -0.84 15.58
C ASP A 83 -9.01 -0.32 15.56
N PHE A 84 -9.52 -0.12 14.35
CA PHE A 84 -10.86 0.42 14.18
C PHE A 84 -11.50 -0.06 12.90
N ALA A 85 -12.83 0.06 12.87
CA ALA A 85 -13.64 -0.38 11.74
C ALA A 85 -14.32 0.81 11.12
N THR A 86 -14.16 0.96 9.81
CA THR A 86 -14.85 1.98 9.05
C THR A 86 -14.87 1.64 7.57
N MET A 87 -15.55 2.46 6.79
CA MET A 87 -15.60 2.28 5.33
C MET A 87 -14.36 2.90 4.70
N PRO A 88 -13.79 2.26 3.66
CA PRO A 88 -12.69 2.88 2.94
C PRO A 88 -12.92 4.33 2.52
N HIS A 89 -14.11 4.60 2.00
CA HIS A 89 -14.52 5.96 1.59
CA HIS A 89 -14.50 5.95 1.59
C HIS A 89 -14.43 6.94 2.77
N GLN A 90 -14.91 6.50 3.93
CA GLN A 90 -14.89 7.34 5.13
C GLN A 90 -13.46 7.62 5.63
N LEU A 91 -12.62 6.59 5.67
CA LEU A 91 -11.21 6.79 6.01
C LEU A 91 -10.55 7.80 5.07
N GLN A 92 -10.79 7.65 3.76
CA GLN A 92 -10.23 8.58 2.78
C GLN A 92 -10.63 10.05 3.05
N ASP A 93 -11.92 10.29 3.26
CA ASP A 93 -12.42 11.65 3.50
C ASP A 93 -11.89 12.22 4.82
N THR A 94 -11.93 11.43 5.89
CA THR A 94 -11.43 11.89 7.18
C THR A 94 -9.92 12.19 7.13
N PHE A 95 -9.13 11.33 6.51
CA PHE A 95 -7.67 11.58 6.40
C PHE A 95 -7.36 12.80 5.53
N LEU A 96 -8.19 13.04 4.52
CA LEU A 96 -8.06 14.23 3.68
C LEU A 96 -8.47 15.52 4.40
N ARG A 97 -9.46 15.46 5.29
CA ARG A 97 -10.10 16.66 5.83
C ARG A 97 -9.71 17.04 7.26
N ILE A 98 -9.33 16.05 8.08
CA ILE A 98 -9.14 16.26 9.51
C ILE A 98 -7.66 15.98 9.87
N PRO A 99 -6.88 17.04 10.13
CA PRO A 99 -5.46 16.86 10.40
C PRO A 99 -5.26 16.27 11.76
N LEU A 100 -4.16 15.56 11.95
CA LEU A 100 -3.79 15.04 13.25
C LEU A 100 -2.98 16.15 13.94
N LEU A 101 -3.43 16.62 15.09
CA LEU A 101 -2.80 17.80 15.74
C LEU A 101 -1.96 17.30 16.89
N VAL A 102 -0.65 17.41 16.75
CA VAL A 102 0.27 16.92 17.78
C VAL A 102 0.75 18.13 18.56
N GLU A 103 0.45 18.12 19.85
CA GLU A 103 0.72 19.25 20.75
C GLU A 103 2.05 19.07 21.44
N LEU A 104 2.89 20.10 21.42
CA LEU A 104 4.11 20.15 22.23
C LEU A 104 3.80 20.81 23.58
N TRP A 105 3.90 20.04 24.67
CA TRP A 105 3.71 20.57 26.03
C TRP A 105 5.03 20.62 26.78
N HIS A 106 5.19 21.66 27.61
CA HIS A 106 6.30 21.76 28.59
C HIS A 106 5.78 21.41 29.98
N LYS A 107 6.43 20.47 30.66
CA LYS A 107 6.01 19.99 31.98
C LYS A 107 7.06 20.26 33.06
N ASP A 108 6.62 20.63 34.26
CA ASP A 108 7.53 20.81 35.40
C ASP A 108 6.77 20.50 36.68
N LYS A 109 7.48 19.96 37.67
CA LYS A 109 6.87 19.56 38.95
C LYS A 109 6.22 20.74 39.67
N MET A 110 6.96 21.85 39.75
CA MET A 110 6.48 23.06 40.45
C MET A 110 5.51 23.95 39.65
N SER A 111 5.51 23.85 38.32
CA SER A 111 4.68 24.71 37.46
C SER A 111 3.54 23.95 36.77
N LYS A 112 2.54 24.69 36.31
CA LYS A 112 1.42 24.09 35.57
C LYS A 112 1.89 23.71 34.16
N ASP A 113 1.25 22.69 33.58
CA ASP A 113 1.58 22.23 32.22
C ASP A 113 1.40 23.38 31.21
N LEU A 114 2.37 23.58 30.32
CA LEU A 114 2.34 24.68 29.33
C LEU A 114 2.33 24.21 27.86
N LEU A 115 1.32 24.63 27.07
CA LEU A 115 1.26 24.28 25.64
C LEU A 115 2.07 25.25 24.83
N LEU A 116 3.14 24.77 24.19
CA LEU A 116 4.05 25.62 23.43
C LEU A 116 3.75 25.71 21.95
N GLY A 117 3.22 24.64 21.36
CA GLY A 117 2.93 24.66 19.94
C GLY A 117 2.29 23.40 19.42
N VAL A 118 2.01 23.38 18.12
CA VAL A 118 1.27 22.27 17.49
C VAL A 118 1.85 21.95 16.12
N ALA A 119 2.11 20.66 15.87
CA ALA A 119 2.41 20.16 14.54
C ALA A 119 1.13 19.64 13.89
N ARG A 120 0.89 20.02 12.65
CA ARG A 120 -0.29 19.61 11.89
C ARG A 120 0.12 18.51 10.93
N ILE A 121 -0.31 17.28 11.21
CA ILE A 121 0.08 16.13 10.39
C ILE A 121 -1.08 15.81 9.44
N GLN A 122 -0.77 15.78 8.16
CA GLN A 122 -1.75 15.51 7.11
C GLN A 122 -1.78 14.00 6.86
N LEU A 123 -2.76 13.31 7.45
CA LEU A 123 -2.82 11.85 7.38
C LEU A 123 -2.95 11.31 5.98
N SER A 124 -3.55 12.09 5.08
CA SER A 124 -3.72 11.64 3.69
C SER A 124 -2.42 11.52 2.94
N ASN A 125 -1.31 12.06 3.46
CA ASN A 125 0.03 11.74 2.91
C ASN A 125 0.27 10.23 2.79
N ILE A 126 -0.26 9.46 3.72
CA ILE A 126 -0.08 8.02 3.69
C ILE A 126 -0.82 7.33 2.52
N LEU A 127 -1.89 7.97 2.04
CA LEU A 127 -2.76 7.37 1.04
C LEU A 127 -2.13 7.30 -0.34
N SER A 128 -1.19 8.20 -0.64
CA SER A 128 -0.43 8.15 -1.89
C SER A 128 0.82 7.24 -1.83
N SER A 129 1.15 6.71 -0.65
CA SER A 129 2.30 5.77 -0.53
C SER A 129 2.01 4.43 -1.19
N GLU A 130 3.08 3.73 -1.54
CA GLU A 130 3.01 2.39 -2.14
C GLU A 130 2.26 1.43 -1.23
N LYS A 131 1.32 0.67 -1.81
CA LYS A 131 0.57 -0.33 -1.08
C LYS A 131 1.30 -1.65 -1.24
N THR A 132 1.66 -2.29 -0.13
CA THR A 132 2.33 -3.57 -0.16
C THR A 132 1.47 -4.62 0.50
N ARG A 133 1.56 -5.82 -0.03
CA ARG A 133 0.72 -6.91 0.40
C ARG A 133 1.34 -7.60 1.61
N PHE A 134 0.49 -8.12 2.49
CA PHE A 134 0.89 -9.07 3.52
C PHE A 134 -0.29 -9.98 3.82
N LEU A 135 -0.07 -11.01 4.63
CA LEU A 135 -1.09 -12.00 4.90
C LEU A 135 -1.50 -11.92 6.34
N GLY A 136 -2.80 -12.02 6.57
CA GLY A 136 -3.35 -12.01 7.92
C GLY A 136 -3.19 -13.36 8.59
N ALA A 137 -3.60 -13.42 9.86
CA ALA A 137 -3.50 -14.66 10.66
C ALA A 137 -4.37 -15.83 10.19
N ASN A 138 -5.15 -15.66 9.12
CA ASN A 138 -5.80 -16.79 8.42
C ASN A 138 -5.55 -16.76 6.89
N GLY A 139 -4.40 -16.23 6.48
CA GLY A 139 -4.02 -16.21 5.06
C GLY A 139 -4.78 -15.25 4.16
N GLU A 140 -5.52 -14.32 4.76
CA GLU A 140 -6.32 -13.35 4.00
C GLU A 140 -5.43 -12.22 3.45
N GLN A 141 -5.81 -11.70 2.30
CA GLN A 141 -5.10 -10.63 1.64
C GLN A 141 -5.22 -9.28 2.38
N CYS A 142 -4.11 -8.81 2.94
CA CYS A 142 -4.02 -7.51 3.64
C CYS A 142 -3.05 -6.57 2.94
N TRP A 143 -3.18 -5.26 3.20
CA TRP A 143 -2.37 -4.24 2.57
C TRP A 143 -1.78 -3.30 3.61
N ARG A 144 -0.56 -2.82 3.35
CA ARG A 144 0.15 -1.90 4.23
C ARG A 144 0.67 -0.72 3.45
N GLN A 145 0.53 0.49 4.03
CA GLN A 145 1.18 1.71 3.54
C GLN A 145 1.93 2.35 4.71
N THR A 146 3.05 2.98 4.41
CA THR A 146 3.82 3.64 5.45
CA THR A 146 3.88 3.61 5.44
C THR A 146 4.33 4.97 4.92
N TYR A 147 4.51 5.91 5.83
CA TYR A 147 4.98 7.24 5.42
C TYR A 147 5.75 7.86 6.56
N SER A 148 6.83 8.54 6.20
CA SER A 148 7.72 9.18 7.19
C SER A 148 8.06 10.58 6.74
N GLU A 149 8.06 11.52 7.67
CA GLU A 149 8.54 12.87 7.38
C GLU A 149 8.85 13.64 8.66
N SER A 150 9.48 14.79 8.47
CA SER A 150 9.72 15.75 9.51
C SER A 150 8.81 16.95 9.25
N VAL A 151 8.08 17.37 10.29
CA VAL A 151 7.13 18.47 10.19
C VAL A 151 7.36 19.52 11.30
N PRO A 152 7.05 20.79 11.00
CA PRO A 152 7.24 21.86 11.99
C PRO A 152 6.21 21.91 13.11
N VAL A 153 6.68 22.17 14.33
CA VAL A 153 5.82 22.51 15.45
C VAL A 153 5.72 24.04 15.43
N ILE A 154 4.50 24.56 15.25
CA ILE A 154 4.26 26.00 15.14
C ILE A 154 3.71 26.53 16.45
N ALA A 155 4.24 27.66 16.89
CA ALA A 155 3.94 28.21 18.23
C ALA A 155 2.46 28.38 18.46
N ALA A 156 2.04 28.09 19.69
CA ALA A 156 0.61 27.97 20.05
C ALA A 156 -0.12 29.32 20.09
N GLN A 157 0.51 30.32 20.69
CA GLN A 157 -0.15 31.60 20.94
C GLN A 157 -0.12 32.52 19.71
N GLY A 158 1.07 32.74 19.15
CA GLY A 158 1.24 33.53 17.92
C GLY A 158 1.03 32.62 16.74
N SER A 159 1.52 33.03 15.56
CA SER A 159 1.45 32.16 14.37
C SER A 159 2.73 32.16 13.53
N ASN A 160 2.83 31.13 12.68
CA ASN A 160 3.95 30.90 11.74
C ASN A 160 5.34 30.75 12.37
N ASN A 161 5.43 30.68 13.70
CA ASN A 161 6.71 30.60 14.39
C ASN A 161 7.07 29.11 14.56
N ARG A 162 7.97 28.61 13.71
CA ARG A 162 8.49 27.23 13.84
C ARG A 162 9.37 27.15 15.06
N ILE A 163 8.93 26.41 16.07
CA ILE A 163 9.71 26.30 17.29
C ILE A 163 10.47 24.99 17.50
N LEU A 164 10.13 23.96 16.72
CA LEU A 164 10.71 22.63 16.86
C LEU A 164 10.29 21.84 15.63
N ASP A 165 11.04 20.80 15.28
CA ASP A 165 10.64 19.85 14.23
C ASP A 165 10.33 18.49 14.85
N LEU A 166 9.34 17.81 14.26
CA LEU A 166 8.89 16.50 14.69
C LEU A 166 9.12 15.51 13.55
N SER A 167 9.93 14.48 13.81
CA SER A 167 10.13 13.39 12.87
C SER A 167 9.23 12.24 13.31
N TYR A 168 8.35 11.79 12.41
CA TYR A 168 7.40 10.72 12.75
C TYR A 168 7.25 9.76 11.59
N THR A 169 6.64 8.62 11.93
CA THR A 169 6.27 7.59 10.98
CA THR A 169 6.27 7.60 10.97
C THR A 169 4.83 7.16 11.27
N MET A 170 4.08 6.89 10.21
CA MET A 170 2.76 6.37 10.35
C MET A 170 2.62 5.19 9.41
N THR A 171 1.78 4.24 9.81
CA THR A 171 1.51 3.06 9.04
C THR A 171 0.00 2.79 9.04
N LEU A 172 -0.53 2.41 7.88
CA LEU A 172 -1.93 2.03 7.75
C LEU A 172 -2.02 0.64 7.18
N GLU A 173 -2.65 -0.26 7.92
CA GLU A 173 -2.89 -1.61 7.46
C GLU A 173 -4.39 -1.81 7.27
N ASP A 174 -4.74 -2.41 6.14
CA ASP A 174 -6.11 -2.78 5.81
C ASP A 174 -6.21 -4.27 5.93
N TYR A 175 -6.88 -4.75 6.98
CA TYR A 175 -7.13 -6.18 7.19
C TYR A 175 -8.34 -6.72 6.44
N GLY A 176 -8.91 -5.94 5.54
CA GLY A 176 -10.06 -6.36 4.75
C GLY A 176 -11.34 -6.20 5.57
N LEU A 177 -12.38 -6.88 5.09
CA LEU A 177 -13.71 -6.79 5.68
C LEU A 177 -13.69 -7.26 7.12
N VAL A 178 -14.40 -6.53 7.98
CA VAL A 178 -14.61 -6.97 9.36
C VAL A 178 -15.24 -8.36 9.44
N LYS A 179 -14.85 -9.09 10.48
CA LYS A 179 -15.40 -10.41 10.76
C LYS A 179 -16.69 -10.29 11.57
N LYS B 14 14.28 -29.95 21.49
CA LYS B 14 15.61 -30.42 21.99
C LYS B 14 16.77 -29.57 21.43
N ILE B 15 16.73 -29.22 20.14
CA ILE B 15 17.81 -28.42 19.52
C ILE B 15 17.52 -26.90 19.57
N ALA B 16 18.40 -26.18 20.24
CA ALA B 16 18.25 -24.76 20.45
C ALA B 16 18.97 -23.96 19.38
N VAL B 17 18.79 -22.65 19.39
CA VAL B 17 19.65 -21.75 18.61
C VAL B 17 20.31 -20.76 19.53
N PRO B 18 21.44 -20.18 19.10
CA PRO B 18 22.10 -19.18 19.89
C PRO B 18 21.17 -18.03 20.28
N ALA B 19 21.30 -17.58 21.53
CA ALA B 19 20.43 -16.56 22.13
C ALA B 19 20.45 -15.24 21.37
N ALA B 20 21.60 -14.91 20.79
CA ALA B 20 21.76 -13.72 19.98
C ALA B 20 21.03 -13.74 18.62
N SER B 21 20.45 -14.88 18.25
CA SER B 21 19.70 -15.00 17.01
C SER B 21 18.47 -14.09 17.10
N HIS B 22 18.11 -13.51 15.96
CA HIS B 22 16.86 -12.77 15.83
C HIS B 22 15.87 -13.62 15.06
N HIS B 23 14.60 -13.50 15.42
CA HIS B 23 13.49 -13.97 14.61
C HIS B 23 13.24 -12.93 13.50
N PHE B 24 13.46 -13.34 12.25
CA PHE B 24 13.15 -12.51 11.10
C PHE B 24 11.97 -13.09 10.35
N CYS B 25 11.22 -12.20 9.71
CA CYS B 25 10.25 -12.60 8.70
C CYS B 25 10.63 -11.87 7.43
N PHE B 26 10.99 -12.64 6.41
CA PHE B 26 11.22 -12.10 5.07
C PHE B 26 10.11 -12.56 4.17
N SER B 27 9.51 -11.63 3.43
CA SER B 27 8.46 -11.99 2.51
C SER B 27 8.84 -11.53 1.10
N VAL B 28 8.55 -12.40 0.15
CA VAL B 28 8.83 -12.19 -1.24
C VAL B 28 7.47 -12.07 -1.93
N ASP B 29 7.25 -10.96 -2.62
CA ASP B 29 6.02 -10.78 -3.40
C ASP B 29 6.41 -10.49 -4.85
N LEU B 30 6.20 -11.49 -5.70
CA LEU B 30 6.49 -11.38 -7.11
C LEU B 30 5.20 -10.79 -7.71
N ARG B 31 5.15 -9.47 -7.76
CA ARG B 31 3.91 -8.76 -8.06
C ARG B 31 3.44 -9.00 -9.49
N SER B 32 4.31 -8.68 -10.44
CA SER B 32 3.93 -8.75 -11.85
C SER B 32 5.11 -8.94 -12.78
N VAL B 33 4.76 -9.35 -14.01
CA VAL B 33 5.69 -9.35 -15.13
C VAL B 33 5.16 -8.40 -16.24
N HIS B 34 6.07 -7.79 -16.97
CA HIS B 34 5.71 -6.85 -18.04
C HIS B 34 6.84 -6.74 -19.05
N ASP B 35 6.54 -6.10 -20.18
CA ASP B 35 7.50 -5.84 -21.26
C ASP B 35 8.11 -7.16 -21.78
N LEU B 36 7.23 -8.12 -22.06
CA LEU B 36 7.61 -9.36 -22.70
C LEU B 36 8.21 -9.03 -24.07
N GLU B 37 9.36 -9.63 -24.35
CA GLU B 37 10.12 -9.38 -25.58
C GLU B 37 9.90 -10.43 -26.66
N LEU B 38 9.30 -11.56 -26.29
CA LEU B 38 9.12 -12.68 -27.18
C LEU B 38 7.89 -12.46 -28.02
N SER B 39 7.92 -12.99 -29.24
CA SER B 39 6.86 -12.79 -30.22
C SER B 39 5.66 -13.69 -30.00
N PHE B 40 5.79 -14.68 -29.12
CA PHE B 40 4.72 -15.66 -28.90
C PHE B 40 4.18 -15.53 -27.46
N PRO B 41 2.95 -16.02 -27.22
CA PRO B 41 2.43 -16.03 -25.85
C PRO B 41 3.11 -17.06 -24.98
N VAL B 42 3.39 -16.69 -23.74
CA VAL B 42 3.99 -17.58 -22.75
C VAL B 42 3.06 -17.78 -21.56
N ASN B 43 2.96 -19.02 -21.10
CA ASN B 43 2.08 -19.42 -20.02
C ASN B 43 2.98 -19.55 -18.75
N CYS B 44 3.10 -18.43 -18.04
CA CYS B 44 4.18 -18.14 -17.09
CA CYS B 44 4.19 -18.22 -17.10
C CYS B 44 3.91 -18.60 -15.66
N ILE B 45 4.90 -19.28 -15.06
CA ILE B 45 5.00 -19.39 -13.60
C ILE B 45 6.42 -18.94 -13.24
N LEU B 46 6.59 -18.43 -12.00
CA LEU B 46 7.89 -18.02 -11.51
C LEU B 46 8.26 -18.97 -10.36
N ARG B 47 9.54 -19.35 -10.29
CA ARG B 47 9.99 -20.40 -9.36
C ARG B 47 11.29 -19.97 -8.73
N TYR B 48 11.40 -20.13 -7.42
CA TYR B 48 12.67 -19.86 -6.75
C TYR B 48 12.88 -20.78 -5.54
N SER B 49 14.14 -20.88 -5.15
CA SER B 49 14.54 -21.59 -3.94
CA SER B 49 14.54 -21.60 -3.94
C SER B 49 15.57 -20.73 -3.20
N TYR B 50 15.51 -20.73 -1.88
CA TYR B 50 16.47 -19.93 -1.10
C TYR B 50 16.61 -20.59 0.26
N PRO B 51 17.42 -21.68 0.34
CA PRO B 51 17.55 -22.51 1.55
C PRO B 51 17.95 -21.78 2.83
N PHE B 52 18.61 -20.64 2.72
CA PHE B 52 18.86 -19.78 3.88
C PHE B 52 17.61 -19.53 4.74
N PHE B 53 16.43 -19.53 4.10
CA PHE B 53 15.16 -19.31 4.81
C PHE B 53 14.63 -20.53 5.53
N GLY B 54 15.22 -21.71 5.29
CA GLY B 54 14.82 -22.91 6.02
C GLY B 54 14.85 -24.16 5.15
N SER B 55 14.26 -24.05 3.96
CA SER B 55 14.04 -25.22 3.11
C SER B 55 14.57 -25.00 1.70
N ALA B 56 15.03 -26.08 1.08
CA ALA B 56 15.37 -26.09 -0.34
C ALA B 56 14.13 -26.22 -1.25
N ALA B 57 12.96 -26.53 -0.67
CA ALA B 57 11.72 -26.74 -1.43
C ALA B 57 11.37 -25.50 -2.27
N PRO B 58 11.12 -25.69 -3.58
CA PRO B 58 10.91 -24.49 -4.40
C PRO B 58 9.55 -23.85 -4.19
N ILE B 59 9.50 -22.55 -4.37
CA ILE B 59 8.27 -21.81 -4.20
C ILE B 59 7.88 -21.37 -5.58
N MET B 60 6.63 -21.56 -5.95
CA MET B 60 6.19 -21.04 -7.23
C MET B 60 4.80 -20.43 -7.27
N THR B 61 4.64 -19.57 -8.27
CA THR B 61 3.35 -18.99 -8.59
C THR B 61 2.52 -20.07 -9.26
N ASN B 62 1.21 -19.87 -9.29
CA ASN B 62 0.24 -20.92 -9.61
C ASN B 62 -1.18 -20.30 -9.59
N PRO B 63 -2.03 -20.55 -10.59
CA PRO B 63 -1.70 -21.27 -11.83
C PRO B 63 -0.80 -20.47 -12.75
N PRO B 64 -0.33 -21.10 -13.86
CA PRO B 64 0.29 -20.32 -14.92
C PRO B 64 -0.66 -19.26 -15.47
N VAL B 65 -0.11 -18.13 -15.94
CA VAL B 65 -0.91 -17.06 -16.51
C VAL B 65 -0.29 -16.64 -17.84
N GLU B 66 -1.15 -16.33 -18.81
CA GLU B 66 -0.68 -15.97 -20.15
C GLU B 66 -0.10 -14.58 -20.14
N VAL B 67 1.04 -14.43 -20.81
CA VAL B 67 1.67 -13.14 -20.96
C VAL B 67 1.92 -12.93 -22.44
N ARG B 68 1.50 -11.77 -22.95
CA ARG B 68 1.80 -11.36 -24.31
C ARG B 68 2.52 -10.04 -24.26
N LYS B 69 2.96 -9.58 -25.43
CA LYS B 69 3.59 -8.26 -25.57
C LYS B 69 2.69 -7.13 -25.05
N ASN B 70 3.32 -6.08 -24.54
CA ASN B 70 2.63 -4.86 -24.13
C ASN B 70 1.51 -5.07 -23.10
N MET B 71 1.76 -5.91 -22.10
CA MET B 71 0.86 -5.99 -20.95
C MET B 71 1.64 -6.25 -19.67
N GLU B 72 1.06 -5.84 -18.55
CA GLU B 72 1.59 -6.14 -17.24
C GLU B 72 0.63 -7.14 -16.64
N VAL B 73 1.13 -8.33 -16.29
CA VAL B 73 0.30 -9.41 -15.80
C VAL B 73 0.64 -9.69 -14.34
N PHE B 74 -0.35 -9.50 -13.46
CA PHE B 74 -0.16 -9.70 -12.02
C PHE B 74 -0.26 -11.17 -11.67
N LEU B 75 0.73 -11.64 -10.92
CA LEU B 75 0.89 -13.07 -10.73
C LEU B 75 0.03 -13.60 -9.59
N PRO B 76 -0.54 -14.78 -9.75
CA PRO B 76 -1.29 -15.43 -8.69
C PRO B 76 -0.39 -16.23 -7.77
N GLN B 77 -0.84 -16.38 -6.51
CA GLN B 77 -0.07 -17.06 -5.45
CA GLN B 77 -0.09 -17.05 -5.45
C GLN B 77 1.39 -16.64 -5.48
N SER B 78 1.60 -15.34 -5.44
CA SER B 78 2.90 -14.74 -5.65
C SER B 78 3.62 -14.25 -4.39
N TYR B 79 3.00 -14.45 -3.23
CA TYR B 79 3.49 -13.93 -1.97
C TYR B 79 3.87 -15.14 -1.12
N CYS B 80 5.01 -15.07 -0.48
CA CYS B 80 5.44 -16.08 0.48
C CYS B 80 6.25 -15.44 1.58
N ALA B 81 5.92 -15.77 2.83
CA ALA B 81 6.56 -15.23 4.01
C ALA B 81 7.40 -16.35 4.67
N PHE B 82 8.62 -16.03 5.05
CA PHE B 82 9.55 -17.02 5.62
C PHE B 82 9.93 -16.55 7.00
N ASP B 83 9.66 -17.36 8.01
CA ASP B 83 10.05 -17.07 9.40
C ASP B 83 11.24 -17.92 9.75
N PHE B 84 12.33 -17.27 10.10
CA PHE B 84 13.54 -17.98 10.44
C PHE B 84 14.34 -17.24 11.47
N ALA B 85 15.27 -17.97 12.09
CA ALA B 85 16.14 -17.43 13.14
C ALA B 85 17.56 -17.46 12.66
N THR B 86 18.23 -16.33 12.73
CA THR B 86 19.66 -16.23 12.39
C THR B 86 20.23 -15.00 13.06
N MET B 87 21.55 -14.87 13.02
CA MET B 87 22.25 -13.68 13.51
CA MET B 87 22.19 -13.67 13.56
C MET B 87 22.11 -12.55 12.52
N PRO B 88 21.91 -11.29 12.99
CA PRO B 88 21.82 -10.18 12.07
C PRO B 88 22.97 -10.07 11.09
N HIS B 89 24.20 -10.25 11.57
CA HIS B 89 25.36 -10.18 10.68
C HIS B 89 25.29 -11.29 9.61
N GLN B 90 24.74 -12.45 9.94
CA GLN B 90 24.65 -13.55 8.99
C GLN B 90 23.60 -13.27 7.90
N LEU B 91 22.46 -12.71 8.28
CA LEU B 91 21.46 -12.20 7.31
CA LEU B 91 21.48 -12.24 7.30
C LEU B 91 22.13 -11.22 6.36
N GLN B 92 22.92 -10.30 6.91
CA GLN B 92 23.58 -9.31 6.06
C GLN B 92 24.57 -9.95 5.08
N ASP B 93 25.43 -10.84 5.57
CA ASP B 93 26.47 -11.49 4.76
CA ASP B 93 26.44 -11.41 4.70
C ASP B 93 25.81 -12.28 3.62
N THR B 94 24.85 -13.14 3.96
CA THR B 94 24.19 -13.99 2.97
C THR B 94 23.39 -13.19 1.95
N PHE B 95 22.68 -12.15 2.40
CA PHE B 95 21.99 -11.25 1.48
C PHE B 95 22.96 -10.52 0.55
N LEU B 96 24.14 -10.16 1.01
CA LEU B 96 25.14 -9.55 0.11
CA LEU B 96 25.14 -9.55 0.11
C LEU B 96 25.72 -10.56 -0.89
N ARG B 97 25.94 -11.79 -0.43
CA ARG B 97 26.70 -12.83 -1.14
CA ARG B 97 26.70 -12.76 -1.20
C ARG B 97 25.87 -13.63 -2.13
N ILE B 98 24.73 -14.13 -1.65
CA ILE B 98 23.90 -15.08 -2.41
C ILE B 98 22.62 -14.44 -2.99
N PRO B 99 22.58 -14.21 -4.32
CA PRO B 99 21.40 -13.63 -4.96
C PRO B 99 20.23 -14.58 -4.94
N LEU B 100 19.02 -14.03 -4.97
CA LEU B 100 17.82 -14.83 -5.14
C LEU B 100 17.63 -14.97 -6.64
N LEU B 101 17.50 -16.21 -7.11
CA LEU B 101 17.34 -16.53 -8.54
C LEU B 101 15.91 -16.94 -8.82
N VAL B 102 15.19 -16.11 -9.56
CA VAL B 102 13.78 -16.37 -9.84
C VAL B 102 13.69 -16.83 -11.28
N GLU B 103 13.20 -18.04 -11.48
CA GLU B 103 13.16 -18.67 -12.80
C GLU B 103 11.82 -18.44 -13.46
N LEU B 104 11.85 -18.04 -14.72
CA LEU B 104 10.66 -17.95 -15.56
C LEU B 104 10.49 -19.23 -16.36
N TRP B 105 9.40 -19.94 -16.13
CA TRP B 105 9.09 -21.16 -16.84
C TRP B 105 7.80 -20.99 -17.66
N HIS B 106 7.81 -21.52 -18.88
CA HIS B 106 6.60 -21.67 -19.68
C HIS B 106 6.00 -23.05 -19.41
N LYS B 107 4.71 -23.08 -19.11
CA LYS B 107 4.00 -24.31 -18.78
C LYS B 107 2.84 -24.58 -19.73
N ASP B 108 2.59 -25.85 -19.99
CA ASP B 108 1.44 -26.29 -20.78
C ASP B 108 1.16 -27.75 -20.44
N LYS B 109 -0.12 -28.13 -20.41
CA LYS B 109 -0.51 -29.48 -19.97
C LYS B 109 -0.09 -30.59 -20.93
N MET B 110 -0.12 -30.31 -22.24
CA MET B 110 0.34 -31.27 -23.26
C MET B 110 1.87 -31.36 -23.41
N SER B 111 2.59 -30.38 -22.89
CA SER B 111 4.04 -30.26 -23.06
C SER B 111 4.78 -30.36 -21.73
N LYS B 112 6.11 -30.32 -21.80
CA LYS B 112 6.97 -30.30 -20.62
C LYS B 112 7.34 -28.83 -20.33
N ASP B 113 7.73 -28.55 -19.09
CA ASP B 113 8.02 -27.18 -18.68
C ASP B 113 9.25 -26.67 -19.43
N LEU B 114 9.22 -25.42 -19.87
CA LEU B 114 10.34 -24.82 -20.57
C LEU B 114 10.94 -23.64 -19.78
N LEU B 115 12.22 -23.73 -19.41
CA LEU B 115 12.88 -22.63 -18.71
C LEU B 115 13.26 -21.55 -19.71
N LEU B 116 12.74 -20.33 -19.53
CA LEU B 116 13.05 -19.22 -20.42
C LEU B 116 14.16 -18.31 -19.95
N GLY B 117 14.28 -18.14 -18.64
CA GLY B 117 15.26 -17.19 -18.13
C GLY B 117 15.22 -17.07 -16.62
N VAL B 118 16.11 -16.24 -16.08
CA VAL B 118 16.28 -16.09 -14.64
C VAL B 118 16.48 -14.63 -14.37
N ALA B 119 15.81 -14.15 -13.32
CA ALA B 119 16.07 -12.83 -12.76
C ALA B 119 16.95 -13.01 -11.55
N ARG B 120 17.98 -12.18 -11.47
CA ARG B 120 18.92 -12.17 -10.36
C ARG B 120 18.56 -11.02 -9.40
N ILE B 121 18.05 -11.35 -8.22
CA ILE B 121 17.67 -10.34 -7.25
C ILE B 121 18.73 -10.24 -6.13
N GLN B 122 19.22 -9.03 -5.94
CA GLN B 122 20.18 -8.72 -4.91
C GLN B 122 19.44 -8.37 -3.61
N LEU B 123 19.26 -9.36 -2.73
CA LEU B 123 18.45 -9.18 -1.52
C LEU B 123 18.97 -8.13 -0.56
N SER B 124 20.28 -7.85 -0.60
CA SER B 124 20.85 -6.85 0.27
C SER B 124 20.36 -5.42 0.00
N ASN B 125 19.71 -5.15 -1.15
CA ASN B 125 19.10 -3.84 -1.41
C ASN B 125 18.17 -3.38 -0.28
N ILE B 126 17.43 -4.29 0.36
CA ILE B 126 16.53 -3.92 1.45
C ILE B 126 17.22 -3.40 2.71
N LEU B 127 18.48 -3.80 2.93
CA LEU B 127 19.18 -3.47 4.19
C LEU B 127 19.40 -1.98 4.41
N SER B 128 19.49 -1.22 3.31
CA SER B 128 19.65 0.24 3.36
CA SER B 128 19.65 0.23 3.37
C SER B 128 18.32 1.01 3.47
N SER B 129 17.19 0.33 3.29
CA SER B 129 15.86 0.95 3.40
C SER B 129 15.59 1.48 4.81
N GLU B 130 14.72 2.49 4.89
CA GLU B 130 14.28 3.01 6.18
C GLU B 130 13.58 1.93 7.00
N LYS B 131 13.93 1.86 8.28
CA LYS B 131 13.32 0.95 9.23
C LYS B 131 12.20 1.66 9.93
N THR B 132 11.04 1.01 10.04
CA THR B 132 9.92 1.57 10.78
CA THR B 132 9.86 1.53 10.72
C THR B 132 9.52 0.64 11.90
N ARG B 133 9.27 1.24 13.05
CA ARG B 133 8.93 0.49 14.23
C ARG B 133 7.51 -0.07 14.16
N PHE B 134 7.34 -1.24 14.76
CA PHE B 134 6.04 -1.76 15.08
C PHE B 134 6.21 -2.62 16.34
N LEU B 135 5.12 -2.93 17.01
CA LEU B 135 5.19 -3.72 18.24
C LEU B 135 4.52 -5.05 17.94
N GLY B 136 5.12 -6.15 18.42
CA GLY B 136 4.55 -7.49 18.25
C GLY B 136 3.63 -7.88 19.41
N ALA B 137 3.15 -9.13 19.35
CA ALA B 137 2.25 -9.75 20.36
C ALA B 137 2.36 -9.20 21.80
N ASN B 138 3.56 -9.25 22.37
CA ASN B 138 3.78 -8.85 23.78
C ASN B 138 4.33 -7.42 23.96
N GLY B 139 4.22 -6.58 22.93
CA GLY B 139 4.73 -5.20 22.98
C GLY B 139 6.25 -5.08 22.85
N GLU B 140 6.88 -6.11 22.30
CA GLU B 140 8.32 -6.07 21.98
C GLU B 140 8.59 -5.17 20.76
N GLN B 141 9.74 -4.49 20.77
CA GLN B 141 10.13 -3.58 19.70
C GLN B 141 10.54 -4.37 18.44
N CYS B 142 9.81 -4.17 17.36
CA CYS B 142 10.12 -4.77 16.05
C CYS B 142 10.34 -3.67 15.02
N TRP B 143 10.96 -4.06 13.90
CA TRP B 143 11.36 -3.13 12.84
C TRP B 143 11.03 -3.73 11.50
N ARG B 144 10.52 -2.91 10.60
CA ARG B 144 10.13 -3.34 9.26
C ARG B 144 10.85 -2.52 8.22
N GLN B 145 11.27 -3.20 7.16
CA GLN B 145 11.76 -2.57 5.96
C GLN B 145 11.08 -3.16 4.75
N THR B 146 10.97 -2.37 3.70
CA THR B 146 10.41 -2.81 2.43
CA THR B 146 10.45 -2.86 2.41
C THR B 146 11.30 -2.31 1.29
N TYR B 147 11.28 -3.02 0.17
CA TYR B 147 12.03 -2.62 -1.00
C TYR B 147 11.34 -3.17 -2.23
N SER B 148 11.17 -2.30 -3.23
CA SER B 148 10.50 -2.65 -4.48
C SER B 148 11.37 -2.27 -5.68
N GLU B 149 11.33 -3.08 -6.72
CA GLU B 149 12.21 -2.89 -7.87
C GLU B 149 11.65 -3.68 -9.05
N SER B 150 12.07 -3.27 -10.24
CA SER B 150 11.84 -4.05 -11.44
C SER B 150 13.20 -4.58 -11.92
N VAL B 151 13.28 -5.88 -12.19
CA VAL B 151 14.53 -6.49 -12.64
C VAL B 151 14.29 -7.30 -13.91
N PRO B 152 15.31 -7.37 -14.80
CA PRO B 152 15.17 -8.16 -16.01
C PRO B 152 15.28 -9.68 -15.78
N VAL B 153 14.41 -10.43 -16.42
CA VAL B 153 14.56 -11.87 -16.59
C VAL B 153 15.45 -12.10 -17.82
N ILE B 154 16.66 -12.62 -17.61
CA ILE B 154 17.68 -12.80 -18.65
C ILE B 154 17.81 -14.28 -18.96
N ALA B 155 17.81 -14.64 -20.23
CA ALA B 155 18.18 -16.02 -20.62
C ALA B 155 19.70 -16.20 -20.44
N ALA B 156 20.12 -17.12 -19.58
CA ALA B 156 21.56 -17.34 -19.33
C ALA B 156 22.26 -17.93 -20.57
N GLN B 157 21.64 -18.96 -21.16
CA GLN B 157 22.21 -19.70 -22.29
C GLN B 157 21.76 -19.07 -23.62
N GLY B 158 22.61 -19.22 -24.63
CA GLY B 158 22.40 -18.60 -25.93
C GLY B 158 22.85 -17.16 -25.88
N SER B 159 21.92 -16.23 -26.11
CA SER B 159 22.19 -14.82 -25.89
C SER B 159 21.73 -14.44 -24.48
N ASN B 160 22.44 -13.49 -23.85
CA ASN B 160 21.97 -12.88 -22.60
C ASN B 160 20.86 -11.86 -22.92
N ASN B 161 19.74 -12.39 -23.39
CA ASN B 161 18.63 -11.59 -23.91
C ASN B 161 17.57 -11.40 -22.83
N ARG B 162 17.11 -10.17 -22.68
CA ARG B 162 16.01 -9.83 -21.77
C ARG B 162 14.70 -10.42 -22.33
N ILE B 163 14.12 -11.35 -21.58
CA ILE B 163 12.85 -11.98 -21.96
C ILE B 163 11.68 -11.09 -21.54
N LEU B 164 11.82 -10.46 -20.36
CA LEU B 164 10.67 -10.00 -19.59
C LEU B 164 11.20 -9.24 -18.39
N ASP B 165 10.38 -8.36 -17.81
CA ASP B 165 10.73 -7.67 -16.56
C ASP B 165 9.84 -8.18 -15.41
N LEU B 166 10.43 -8.30 -14.22
CA LEU B 166 9.74 -8.81 -13.02
C LEU B 166 9.72 -7.67 -12.01
N SER B 167 8.52 -7.31 -11.56
CA SER B 167 8.33 -6.30 -10.52
C SER B 167 8.04 -7.01 -9.23
N TYR B 168 8.79 -6.69 -8.19
CA TYR B 168 8.63 -7.40 -6.93
C TYR B 168 8.69 -6.45 -5.75
N THR B 169 8.25 -6.96 -4.61
CA THR B 169 8.39 -6.26 -3.35
C THR B 169 8.84 -7.22 -2.28
N MET B 170 9.90 -6.84 -1.57
N MET B 170 9.89 -6.86 -1.57
CA MET B 170 10.41 -7.59 -0.43
CA MET B 170 10.33 -7.65 -0.44
C MET B 170 10.08 -6.85 0.84
C MET B 170 10.12 -6.87 0.84
N THR B 171 9.77 -7.61 1.89
CA THR B 171 9.58 -7.07 3.23
C THR B 171 10.42 -7.89 4.22
N LEU B 172 11.17 -7.19 5.05
CA LEU B 172 11.98 -7.78 6.11
C LEU B 172 11.54 -7.21 7.46
N GLU B 173 11.06 -8.09 8.33
CA GLU B 173 10.67 -7.76 9.68
C GLU B 173 11.62 -8.42 10.66
N ASP B 174 12.13 -7.62 11.58
CA ASP B 174 12.99 -8.07 12.66
C ASP B 174 12.14 -8.08 13.93
N TYR B 175 11.82 -9.28 14.40
CA TYR B 175 11.07 -9.46 15.64
C TYR B 175 11.96 -9.45 16.89
N GLY B 176 13.23 -9.08 16.77
CA GLY B 176 14.12 -9.04 17.90
C GLY B 176 14.64 -10.42 18.28
N LEU B 177 15.31 -10.46 19.43
CA LEU B 177 15.94 -11.67 19.92
C LEU B 177 14.94 -12.81 20.01
N VAL B 178 15.37 -13.99 19.61
CA VAL B 178 14.51 -15.17 19.67
C VAL B 178 14.02 -15.43 21.10
N LYS B 179 12.81 -15.98 21.18
CA LYS B 179 12.31 -16.67 22.35
C LYS B 179 12.33 -18.15 21.98
N MET B 180 12.89 -19.00 22.84
CA MET B 180 13.24 -20.38 22.44
C MET B 180 12.10 -21.23 21.86
N ARG B 181 12.26 -21.64 20.60
CA ARG B 181 11.30 -22.49 19.89
C ARG B 181 12.01 -23.51 18.97
N GLU B 182 11.29 -24.59 18.67
CA GLU B 182 11.90 -25.88 18.29
C GLU B 182 12.44 -25.97 16.86
N ILE B 183 13.31 -26.96 16.67
CA ILE B 183 13.66 -27.47 15.33
C ILE B 183 14.10 -28.95 15.41
N PHE B 184 13.54 -29.77 14.51
CA PHE B 184 14.16 -31.02 14.06
C PHE B 184 13.57 -31.42 12.70
N ALA C 20 4.77 23.50 -9.17
CA ALA C 20 3.50 23.75 -9.93
C ALA C 20 2.52 22.56 -9.99
N SER C 21 2.95 21.37 -9.53
CA SER C 21 2.08 20.19 -9.51
C SER C 21 1.11 20.26 -8.31
N HIS C 22 -0.07 19.64 -8.47
CA HIS C 22 -1.14 19.71 -7.46
C HIS C 22 -1.37 18.34 -6.82
N HIS C 23 -1.92 18.37 -5.61
CA HIS C 23 -2.38 17.17 -4.91
C HIS C 23 -3.83 16.94 -5.36
N PHE C 24 -4.06 15.82 -6.02
CA PHE C 24 -5.39 15.44 -6.48
C PHE C 24 -5.80 14.21 -5.73
N CYS C 25 -7.11 14.06 -5.55
CA CYS C 25 -7.71 12.77 -5.22
C CYS C 25 -8.83 12.50 -6.21
N PHE C 26 -8.70 11.38 -6.91
CA PHE C 26 -9.70 10.88 -7.85
C PHE C 26 -10.28 9.59 -7.34
N SER C 27 -11.61 9.47 -7.32
CA SER C 27 -12.25 8.25 -6.85
C SER C 27 -13.25 7.70 -7.85
N VAL C 28 -13.36 6.37 -7.85
CA VAL C 28 -14.26 5.66 -8.72
C VAL C 28 -15.15 4.83 -7.83
N ASP C 29 -16.46 4.97 -8.01
CA ASP C 29 -17.42 4.17 -7.32
C ASP C 29 -18.24 3.46 -8.39
N LEU C 30 -18.00 2.15 -8.55
CA LEU C 30 -18.77 1.33 -9.50
C LEU C 30 -19.98 0.86 -8.76
N ARG C 31 -21.07 1.61 -8.86
CA ARG C 31 -22.22 1.40 -7.97
C ARG C 31 -22.94 0.10 -8.25
N SER C 32 -23.37 -0.07 -9.50
CA SER C 32 -24.19 -1.21 -9.88
C SER C 32 -24.07 -1.58 -11.34
N VAL C 33 -24.55 -2.78 -11.64
CA VAL C 33 -24.81 -3.22 -13.01
C VAL C 33 -26.28 -3.57 -13.18
N HIS C 34 -26.81 -3.32 -14.37
CA HIS C 34 -28.22 -3.57 -14.69
C HIS C 34 -28.43 -3.80 -16.20
N ASP C 35 -29.67 -4.17 -16.55
CA ASP C 35 -30.10 -4.44 -17.93
C ASP C 35 -29.22 -5.46 -18.64
N LEU C 36 -29.01 -6.61 -18.00
CA LEU C 36 -28.27 -7.70 -18.60
C LEU C 36 -29.04 -8.18 -19.84
N GLU C 37 -28.33 -8.27 -20.96
CA GLU C 37 -28.92 -8.68 -22.25
C GLU C 37 -28.80 -10.19 -22.49
N LEU C 38 -27.86 -10.83 -21.82
CA LEU C 38 -27.71 -12.28 -21.91
C LEU C 38 -28.93 -13.00 -21.34
N SER C 39 -29.20 -14.19 -21.88
CA SER C 39 -30.37 -14.98 -21.48
C SER C 39 -30.06 -16.01 -20.39
N PHE C 40 -28.84 -15.96 -19.82
CA PHE C 40 -28.43 -16.84 -18.74
C PHE C 40 -27.73 -16.03 -17.63
N PRO C 41 -27.57 -16.61 -16.44
CA PRO C 41 -26.85 -15.92 -15.37
C PRO C 41 -25.34 -15.87 -15.56
N VAL C 42 -24.72 -14.74 -15.21
CA VAL C 42 -23.27 -14.60 -15.18
C VAL C 42 -22.79 -14.26 -13.78
N ASN C 43 -21.57 -14.68 -13.46
CA ASN C 43 -20.95 -14.55 -12.14
C ASN C 43 -19.79 -13.55 -12.26
N CYS C 44 -20.07 -12.30 -11.93
CA CYS C 44 -19.30 -11.15 -12.43
C CYS C 44 -18.41 -10.44 -11.42
N ILE C 45 -17.20 -10.11 -11.86
CA ILE C 45 -16.38 -9.10 -11.21
C ILE C 45 -16.04 -8.05 -12.25
N LEU C 46 -15.79 -6.82 -11.79
CA LEU C 46 -15.38 -5.72 -12.65
C LEU C 46 -13.96 -5.37 -12.31
N ARG C 47 -13.16 -5.09 -13.34
CA ARG C 47 -11.74 -4.93 -13.17
C ARG C 47 -11.25 -3.77 -13.99
N TYR C 48 -10.37 -2.96 -13.41
CA TYR C 48 -9.75 -1.90 -14.17
C TYR C 48 -8.40 -1.52 -13.61
N SER C 49 -7.61 -0.88 -14.45
CA SER C 49 -6.34 -0.29 -14.04
CA SER C 49 -6.35 -0.28 -14.02
C SER C 49 -6.24 1.07 -14.70
N TYR C 50 -5.51 1.98 -14.09
CA TYR C 50 -5.24 3.27 -14.68
C TYR C 50 -3.86 3.69 -14.19
N PRO C 51 -2.81 3.21 -14.88
CA PRO C 51 -1.41 3.43 -14.44
C PRO C 51 -0.97 4.88 -14.30
N PHE C 52 -1.65 5.83 -14.93
CA PHE C 52 -1.34 7.23 -14.71
C PHE C 52 -1.37 7.64 -13.21
N PHE C 53 -2.21 6.98 -12.42
CA PHE C 53 -2.35 7.35 -11.01
C PHE C 53 -1.18 6.94 -10.11
N GLY C 54 -0.26 6.13 -10.62
CA GLY C 54 0.99 5.83 -9.91
C GLY C 54 1.29 4.36 -9.85
N SER C 55 0.24 3.53 -9.93
CA SER C 55 0.41 2.08 -9.90
C SER C 55 -0.34 1.45 -11.07
N ALA C 56 0.26 0.39 -11.61
CA ALA C 56 -0.41 -0.44 -12.61
C ALA C 56 -1.32 -1.51 -11.97
N ALA C 57 -1.27 -1.67 -10.65
CA ALA C 57 -2.07 -2.69 -9.92
C ALA C 57 -3.55 -2.63 -10.29
N PRO C 58 -4.16 -3.81 -10.51
CA PRO C 58 -5.56 -3.80 -10.95
C PRO C 58 -6.49 -3.60 -9.76
N ILE C 59 -7.65 -2.98 -10.02
CA ILE C 59 -8.67 -2.73 -9.03
C ILE C 59 -9.85 -3.59 -9.42
N MET C 60 -10.30 -4.45 -8.50
CA MET C 60 -11.31 -5.45 -8.83
C MET C 60 -12.38 -5.46 -7.76
N THR C 61 -13.63 -5.65 -8.17
CA THR C 61 -14.71 -5.94 -7.23
C THR C 61 -14.56 -7.38 -6.76
N ASN C 62 -15.15 -7.69 -5.60
CA ASN C 62 -14.89 -8.96 -4.90
C ASN C 62 -15.86 -9.05 -3.72
N PRO C 63 -16.55 -10.18 -3.50
CA PRO C 63 -16.50 -11.39 -4.34
C PRO C 63 -17.20 -11.21 -5.69
N PRO C 64 -17.18 -12.26 -6.55
CA PRO C 64 -18.09 -12.34 -7.70
C PRO C 64 -19.53 -12.21 -7.25
N VAL C 65 -20.39 -11.61 -8.09
CA VAL C 65 -21.83 -11.51 -7.84
C VAL C 65 -22.60 -12.05 -9.02
N GLU C 66 -23.60 -12.89 -8.75
CA GLU C 66 -24.49 -13.39 -9.80
C GLU C 66 -25.35 -12.25 -10.34
N VAL C 67 -25.43 -12.17 -11.67
CA VAL C 67 -26.25 -11.16 -12.36
C VAL C 67 -27.14 -11.86 -13.37
N ARG C 68 -28.42 -11.45 -13.39
CA ARG C 68 -29.40 -11.99 -14.31
C ARG C 68 -30.23 -10.87 -14.89
N LYS C 69 -31.10 -11.23 -15.82
CA LYS C 69 -31.98 -10.31 -16.54
C LYS C 69 -32.86 -9.49 -15.59
N ASN C 70 -33.15 -8.26 -15.99
CA ASN C 70 -34.10 -7.35 -15.30
C ASN C 70 -33.83 -7.14 -13.79
N MET C 71 -32.55 -7.04 -13.44
CA MET C 71 -32.12 -6.81 -12.06
C MET C 71 -31.16 -5.63 -12.00
N GLU C 72 -30.95 -5.13 -10.78
CA GLU C 72 -29.87 -4.21 -10.47
C GLU C 72 -29.09 -4.84 -9.32
N VAL C 73 -27.81 -5.12 -9.56
CA VAL C 73 -26.93 -5.77 -8.58
C VAL C 73 -25.87 -4.75 -8.18
N PHE C 74 -25.87 -4.38 -6.90
CA PHE C 74 -24.92 -3.40 -6.40
C PHE C 74 -23.62 -4.13 -6.13
N LEU C 75 -22.50 -3.50 -6.48
CA LEU C 75 -21.22 -4.17 -6.48
C LEU C 75 -20.47 -4.02 -5.13
N PRO C 76 -19.79 -5.09 -4.69
CA PRO C 76 -18.97 -5.05 -3.47
C PRO C 76 -17.54 -4.64 -3.75
N GLN C 77 -16.87 -4.01 -2.78
CA GLN C 77 -15.46 -3.56 -2.97
C GLN C 77 -15.40 -2.62 -4.20
N SER C 78 -16.41 -1.77 -4.33
CA SER C 78 -16.64 -1.00 -5.55
C SER C 78 -16.05 0.41 -5.55
N TYR C 79 -15.55 0.84 -4.39
CA TYR C 79 -14.97 2.17 -4.23
C TYR C 79 -13.46 2.04 -4.20
N CYS C 80 -12.77 2.91 -4.93
CA CYS C 80 -11.33 3.05 -4.79
C CYS C 80 -10.94 4.49 -5.06
N ALA C 81 -10.02 5.00 -4.24
CA ALA C 81 -9.54 6.37 -4.38
C ALA C 81 -8.08 6.35 -4.74
N PHE C 82 -7.67 7.36 -5.48
CA PHE C 82 -6.33 7.49 -5.99
C PHE C 82 -5.85 8.87 -5.62
N ASP C 83 -4.91 8.92 -4.68
CA ASP C 83 -4.29 10.15 -4.24
C ASP C 83 -2.93 10.25 -4.94
N PHE C 84 -2.71 11.30 -5.70
CA PHE C 84 -1.50 11.46 -6.51
C PHE C 84 -1.21 12.95 -6.74
N ALA C 85 0.00 13.23 -7.20
CA ALA C 85 0.40 14.58 -7.57
C ALA C 85 0.79 14.66 -9.05
N THR C 86 0.37 15.74 -9.72
CA THR C 86 0.71 15.98 -11.12
C THR C 86 0.32 17.41 -11.52
N MET C 87 0.83 17.87 -12.65
CA MET C 87 0.47 19.20 -13.17
C MET C 87 -0.97 19.12 -13.66
N PRO C 88 -1.79 20.16 -13.42
CA PRO C 88 -3.14 20.20 -13.97
C PRO C 88 -3.27 19.88 -15.48
N HIS C 89 -2.32 20.35 -16.29
CA HIS C 89 -2.35 20.08 -17.74
C HIS C 89 -2.07 18.60 -18.07
N GLN C 90 -1.27 17.92 -17.24
CA GLN C 90 -1.01 16.50 -17.47
C GLN C 90 -2.26 15.66 -17.18
N LEU C 91 -2.95 15.99 -16.09
CA LEU C 91 -4.23 15.35 -15.76
C LEU C 91 -5.25 15.60 -16.86
N GLN C 92 -5.36 16.84 -17.30
CA GLN C 92 -6.20 17.25 -18.42
C GLN C 92 -5.92 16.34 -19.64
N ASP C 93 -4.67 16.30 -20.05
CA ASP C 93 -4.25 15.57 -21.25
C ASP C 93 -4.57 14.08 -21.19
N THR C 94 -4.20 13.43 -20.08
CA THR C 94 -4.42 12.00 -19.92
C THR C 94 -5.91 11.64 -19.90
N PHE C 95 -6.69 12.41 -19.15
CA PHE C 95 -8.14 12.22 -19.07
C PHE C 95 -8.86 12.41 -20.42
N LEU C 96 -8.35 13.31 -21.27
CA LEU C 96 -8.90 13.46 -22.63
C LEU C 96 -8.60 12.24 -23.49
N ARG C 97 -7.35 11.81 -23.48
CA ARG C 97 -6.83 10.86 -24.46
C ARG C 97 -6.91 9.39 -24.07
N ILE C 98 -6.84 9.09 -22.76
CA ILE C 98 -6.77 7.69 -22.29
C ILE C 98 -8.01 7.36 -21.46
N PRO C 99 -8.94 6.58 -22.03
CA PRO C 99 -10.16 6.23 -21.32
C PRO C 99 -9.93 5.18 -20.26
N LEU C 100 -10.82 5.17 -19.27
CA LEU C 100 -10.79 4.16 -18.23
C LEU C 100 -11.56 2.96 -18.75
N LEU C 101 -10.89 1.82 -18.86
CA LEU C 101 -11.52 0.61 -19.37
C LEU C 101 -11.90 -0.30 -18.21
N VAL C 102 -13.20 -0.43 -17.98
CA VAL C 102 -13.71 -1.32 -16.95
C VAL C 102 -14.12 -2.66 -17.58
N GLU C 103 -13.33 -3.68 -17.28
CA GLU C 103 -13.53 -5.03 -17.83
C GLU C 103 -14.58 -5.79 -17.01
N LEU C 104 -15.49 -6.49 -17.69
CA LEU C 104 -16.47 -7.36 -17.04
C LEU C 104 -15.98 -8.81 -17.23
N TRP C 105 -15.62 -9.47 -16.13
CA TRP C 105 -15.12 -10.84 -16.16
C TRP C 105 -16.12 -11.82 -15.55
N HIS C 106 -16.31 -12.95 -16.22
CA HIS C 106 -17.11 -14.08 -15.73
C HIS C 106 -16.19 -15.09 -15.02
N LYS C 107 -16.56 -15.45 -13.79
CA LYS C 107 -15.79 -16.38 -12.94
C LYS C 107 -16.51 -17.73 -12.85
N ASP C 108 -15.71 -18.79 -12.94
CA ASP C 108 -16.19 -20.18 -12.94
CA ASP C 108 -16.21 -20.17 -12.85
C ASP C 108 -15.08 -21.04 -12.32
N LYS C 109 -15.34 -21.68 -11.17
CA LYS C 109 -14.33 -22.45 -10.42
C LYS C 109 -13.63 -23.55 -11.23
N MET C 110 -14.34 -24.15 -12.18
CA MET C 110 -13.79 -25.22 -13.04
C MET C 110 -12.96 -24.71 -14.24
N SER C 111 -12.87 -23.39 -14.43
CA SER C 111 -12.23 -22.79 -15.62
C SER C 111 -11.42 -21.52 -15.32
N LYS C 112 -10.64 -21.09 -16.31
CA LYS C 112 -10.05 -19.75 -16.32
C LYS C 112 -11.12 -18.65 -16.32
N ASP C 113 -10.74 -17.46 -15.86
CA ASP C 113 -11.60 -16.26 -15.96
C ASP C 113 -11.87 -15.96 -17.44
N LEU C 114 -13.10 -15.54 -17.76
CA LEU C 114 -13.47 -15.18 -19.14
C LEU C 114 -13.98 -13.74 -19.28
N LEU C 115 -13.27 -12.96 -20.09
CA LEU C 115 -13.69 -11.59 -20.38
C LEU C 115 -14.97 -11.57 -21.20
N LEU C 116 -16.05 -11.03 -20.62
CA LEU C 116 -17.34 -10.86 -21.32
C LEU C 116 -17.43 -9.56 -22.13
N GLY C 117 -16.77 -8.51 -21.67
CA GLY C 117 -16.91 -7.20 -22.30
C GLY C 117 -16.23 -6.10 -21.53
N VAL C 118 -16.31 -4.89 -22.08
CA VAL C 118 -15.57 -3.74 -21.57
C VAL C 118 -16.45 -2.50 -21.67
N ALA C 119 -16.49 -1.73 -20.58
CA ALA C 119 -17.11 -0.40 -20.59
C ALA C 119 -16.01 0.63 -20.73
N ARG C 120 -16.27 1.63 -21.57
CA ARG C 120 -15.30 2.66 -21.93
C ARG C 120 -15.72 3.93 -21.23
N ILE C 121 -15.01 4.30 -20.17
CA ILE C 121 -15.37 5.52 -19.43
C ILE C 121 -14.49 6.69 -19.87
N GLN C 122 -15.13 7.77 -20.30
CA GLN C 122 -14.42 8.93 -20.77
C GLN C 122 -14.23 9.84 -19.57
N LEU C 123 -13.00 9.85 -19.05
CA LEU C 123 -12.68 10.63 -17.84
C LEU C 123 -12.83 12.13 -18.06
N SER C 124 -12.70 12.59 -19.30
CA SER C 124 -13.01 13.99 -19.68
C SER C 124 -14.38 14.49 -19.15
N ASN C 125 -15.36 13.60 -18.99
CA ASN C 125 -16.65 13.98 -18.42
C ASN C 125 -16.54 14.65 -17.03
N ILE C 126 -15.64 14.18 -16.16
CA ILE C 126 -15.48 14.82 -14.82
C ILE C 126 -14.97 16.26 -14.95
N LEU C 127 -14.11 16.51 -15.94
CA LEU C 127 -13.43 17.81 -16.09
C LEU C 127 -14.39 18.96 -16.42
N SER C 128 -15.47 18.66 -17.14
CA SER C 128 -16.46 19.68 -17.51
C SER C 128 -17.47 19.94 -16.39
N SER C 129 -17.56 19.05 -15.41
CA SER C 129 -18.51 19.22 -14.29
C SER C 129 -18.26 20.51 -13.50
N GLU C 130 -19.30 20.93 -12.79
CA GLU C 130 -19.26 22.15 -11.96
C GLU C 130 -18.27 21.98 -10.79
N LYS C 131 -17.45 23.01 -10.55
CA LYS C 131 -16.47 22.98 -9.45
C LYS C 131 -17.08 23.57 -8.18
N THR C 132 -17.16 22.76 -7.13
CA THR C 132 -17.57 23.24 -5.82
C THR C 132 -16.29 23.52 -5.03
N ARG C 133 -16.17 24.73 -4.51
CA ARG C 133 -14.97 25.12 -3.78
C ARG C 133 -15.10 24.79 -2.29
N PHE C 134 -13.96 24.51 -1.67
CA PHE C 134 -13.91 24.30 -0.21
C PHE C 134 -12.51 24.59 0.34
N LEU C 135 -12.45 24.82 1.65
CA LEU C 135 -11.16 24.97 2.34
C LEU C 135 -10.74 23.61 2.84
N GLY C 136 -9.45 23.31 2.67
CA GLY C 136 -8.90 22.04 3.10
C GLY C 136 -8.68 21.97 4.60
N ALA C 137 -7.94 20.96 5.01
CA ALA C 137 -7.65 20.69 6.42
C ALA C 137 -6.91 21.87 7.09
N ASN C 138 -6.05 22.52 6.31
CA ASN C 138 -5.17 23.58 6.81
C ASN C 138 -5.44 24.92 6.12
N GLY C 139 -6.71 25.19 5.81
CA GLY C 139 -7.09 26.39 5.06
C GLY C 139 -6.67 26.48 3.60
N GLU C 140 -6.26 25.37 2.98
CA GLU C 140 -5.86 25.38 1.56
C GLU C 140 -7.07 25.67 0.67
N GLN C 141 -6.77 26.18 -0.51
CA GLN C 141 -7.79 26.55 -1.48
C GLN C 141 -8.12 25.31 -2.31
N CYS C 142 -9.31 24.72 -2.14
CA CYS C 142 -9.64 23.43 -2.81
C CYS C 142 -10.91 23.49 -3.68
N TRP C 143 -11.07 22.49 -4.55
CA TRP C 143 -12.31 22.27 -5.27
C TRP C 143 -12.61 20.78 -5.52
N ARG C 144 -13.91 20.50 -5.72
CA ARG C 144 -14.44 19.16 -5.96
C ARG C 144 -15.33 19.16 -7.21
N GLN C 145 -15.18 18.13 -8.03
CA GLN C 145 -16.10 17.83 -9.15
C GLN C 145 -16.62 16.41 -8.97
N THR C 146 -17.89 16.20 -9.32
CA THR C 146 -18.53 14.88 -9.33
C THR C 146 -19.20 14.65 -10.68
N TYR C 147 -19.27 13.40 -11.10
CA TYR C 147 -19.93 13.03 -12.33
C TYR C 147 -20.39 11.58 -12.25
N SER C 148 -21.68 11.36 -12.56
CA SER C 148 -22.31 10.07 -12.54
C SER C 148 -23.00 9.80 -13.86
N GLU C 149 -22.96 8.54 -14.30
CA GLU C 149 -23.71 8.10 -15.48
C GLU C 149 -23.81 6.59 -15.52
N SER C 150 -24.62 6.12 -16.47
CA SER C 150 -24.72 4.72 -16.83
C SER C 150 -23.99 4.58 -18.17
N VAL C 151 -23.15 3.56 -18.32
CA VAL C 151 -22.44 3.30 -19.57
C VAL C 151 -22.59 1.84 -19.98
N PRO C 152 -22.58 1.58 -21.30
CA PRO C 152 -22.70 0.20 -21.78
C PRO C 152 -21.40 -0.60 -21.64
N VAL C 153 -21.52 -1.86 -21.22
CA VAL C 153 -20.45 -2.82 -21.33
C VAL C 153 -20.64 -3.48 -22.71
N ILE C 154 -19.63 -3.35 -23.57
CA ILE C 154 -19.67 -3.83 -24.94
C ILE C 154 -18.97 -5.16 -25.04
N ALA C 155 -19.61 -6.15 -25.67
CA ALA C 155 -19.02 -7.48 -25.86
C ALA C 155 -17.66 -7.40 -26.55
N ALA C 156 -16.74 -8.25 -26.10
CA ALA C 156 -15.40 -8.35 -26.66
C ALA C 156 -15.43 -9.17 -27.96
N GLN C 157 -15.99 -10.38 -27.87
CA GLN C 157 -16.05 -11.33 -28.98
C GLN C 157 -17.25 -11.08 -29.90
N GLY C 158 -18.45 -11.25 -29.35
CA GLY C 158 -19.68 -11.34 -30.14
C GLY C 158 -20.31 -10.02 -30.60
N SER C 159 -19.89 -9.56 -31.78
CA SER C 159 -20.66 -8.57 -32.57
C SER C 159 -20.79 -7.13 -32.01
N ASN C 160 -19.95 -6.77 -31.03
CA ASN C 160 -19.96 -5.41 -30.43
C ASN C 160 -21.33 -4.91 -29.93
N ASN C 161 -22.09 -5.81 -29.32
CA ASN C 161 -23.38 -5.46 -28.73
C ASN C 161 -23.24 -5.32 -27.21
N ARG C 162 -24.24 -4.70 -26.61
CA ARG C 162 -24.28 -4.35 -25.19
C ARG C 162 -24.57 -5.61 -24.36
N ILE C 163 -23.65 -5.95 -23.44
CA ILE C 163 -23.83 -7.07 -22.49
C ILE C 163 -24.71 -6.61 -21.32
N LEU C 164 -24.30 -5.52 -20.67
CA LEU C 164 -25.06 -4.90 -19.57
C LEU C 164 -24.71 -3.42 -19.47
N ASP C 165 -25.40 -2.72 -18.58
CA ASP C 165 -25.06 -1.33 -18.23
C ASP C 165 -24.37 -1.26 -16.85
N LEU C 166 -23.44 -0.32 -16.73
CA LEU C 166 -22.65 -0.08 -15.52
C LEU C 166 -22.95 1.32 -15.05
N SER C 167 -23.50 1.45 -13.84
CA SER C 167 -23.74 2.75 -13.23
C SER C 167 -22.59 3.06 -12.26
N TYR C 168 -22.02 4.25 -12.37
CA TYR C 168 -20.88 4.64 -11.55
C TYR C 168 -20.90 6.13 -11.21
N THR C 169 -20.11 6.50 -10.20
CA THR C 169 -19.83 7.89 -9.89
C THR C 169 -18.33 8.01 -9.77
N MET C 170 -17.81 9.12 -10.30
CA MET C 170 -16.42 9.50 -10.12
CA MET C 170 -16.42 9.50 -10.12
C MET C 170 -16.33 10.91 -9.56
N THR C 171 -15.29 11.16 -8.77
CA THR C 171 -15.07 12.45 -8.15
C THR C 171 -13.61 12.81 -8.32
N LEU C 172 -13.36 14.09 -8.52
CA LEU C 172 -12.03 14.65 -8.60
C LEU C 172 -11.96 15.81 -7.63
N GLU C 173 -10.93 15.80 -6.78
CA GLU C 173 -10.66 16.89 -5.84
C GLU C 173 -9.26 17.41 -6.08
N ASP C 174 -9.12 18.72 -6.11
CA ASP C 174 -7.83 19.43 -6.22
C ASP C 174 -7.55 20.07 -4.87
N TYR C 175 -6.47 19.67 -4.22
CA TYR C 175 -6.09 20.23 -2.92
C TYR C 175 -5.02 21.34 -3.02
N GLY C 176 -4.84 21.90 -4.21
CA GLY C 176 -3.87 22.96 -4.45
C GLY C 176 -2.47 22.42 -4.67
N LEU C 177 -1.49 23.32 -4.66
CA LEU C 177 -0.09 22.96 -4.89
C LEU C 177 0.41 21.97 -3.82
N VAL C 178 1.26 21.04 -4.25
CA VAL C 178 1.83 20.05 -3.35
C VAL C 178 2.70 20.71 -2.28
N LYS C 179 2.66 20.15 -1.08
CA LYS C 179 3.45 20.65 0.06
C LYS C 179 4.84 20.06 -0.10
N MET C 180 5.88 20.90 -0.09
CA MET C 180 7.25 20.39 -0.17
C MET C 180 7.54 19.53 1.05
N ARG C 181 7.79 18.24 0.81
CA ARG C 181 8.21 17.32 1.86
C ARG C 181 9.60 17.74 2.34
N GLU C 182 9.80 17.78 3.65
CA GLU C 182 11.13 18.04 4.22
C GLU C 182 11.61 16.79 4.98
N ILE C 183 12.89 16.49 4.82
CA ILE C 183 13.50 15.31 5.46
C ILE C 183 14.66 15.77 6.35
N PHE C 184 14.72 15.15 7.54
CA PHE C 184 15.79 15.33 8.49
C PHE C 184 16.62 14.05 8.50
N VAL C 185 17.89 14.15 8.08
CA VAL C 185 18.81 13.01 8.09
C VAL C 185 19.42 12.87 9.49
N SER C 186 19.53 11.63 9.95
CA SER C 186 19.88 11.25 11.34
C SER C 186 18.67 11.38 12.26
O1 P6G D . -9.70 4.66 0.74
O1 P6G D . -5.36 3.43 1.12
C2 P6G D . -9.35 3.49 1.45
C2 P6G D . -6.34 2.48 1.57
C3 P6G D . -7.89 3.46 1.84
C3 P6G D . -5.76 1.06 1.65
O4 P6G D . -7.55 2.14 2.22
O4 P6G D . -6.21 0.29 0.54
C5 P6G D . -6.20 1.84 1.84
C5 P6G D . -5.92 -1.10 0.63
C6 P6G D . -5.97 0.33 1.71
C6 P6G D . -6.90 -1.88 -0.25
O7 P6G D . -6.23 -0.12 0.37
O7 P6G D . -6.67 -1.60 -1.63
C8 P6G D . -5.99 -1.52 0.21
C8 P6G D . -6.23 -2.73 -2.38
C9 P6G D . -6.78 -2.05 -0.98
C9 P6G D . -6.28 -2.43 -3.87
O10 P6G D . -6.26 -1.53 -2.20
O10 P6G D . -5.24 -1.53 -4.25
C11 P6G D . -6.10 -2.51 -3.22
C11 P6G D . -5.59 -0.74 -5.39
C12 P6G D . -5.23 -1.96 -4.33
C12 P6G D . -4.36 -0.13 -6.05
O13 P6G D . -5.49 -0.57 -4.54
O13 P6G D . -4.57 1.26 -6.32
C14 P6G D . -4.70 -0.06 -5.61
C14 P6G D . -4.65 2.03 -5.12
C15 P6G D . -4.90 1.45 -5.76
C15 P6G D . -4.16 3.47 -5.31
O16 P6G D . -4.41 2.16 -4.62
O16 P6G D . -3.04 3.71 -4.44
C17 P6G D . -3.55 3.25 -4.97
C17 P6G D . -1.79 3.33 -5.03
C18 P6G D . -2.42 3.40 -3.95
C18 P6G D . -0.63 4.06 -4.38
O19 P6G D . -1.28 4.08 -4.50
O19 P6G D . 0.40 4.31 -5.35
#